data_4AGC
#
_entry.id   4AGC
#
_cell.length_a   139.492
_cell.length_b   56.922
_cell.length_c   50.787
_cell.angle_alpha   90.00
_cell.angle_beta   97.12
_cell.angle_gamma   90.00
#
_symmetry.space_group_name_H-M   'C 1 2 1'
#
loop_
_entity.id
_entity.type
_entity.pdbx_description
1 polymer 'VASCULAR ENDOTHELIAL GROWTH FACTOR RECEPTOR 2'
2 non-polymer AXITINIB
3 water water
#
_entity_poly.entity_id   1
_entity_poly.type   'polypeptide(L)'
_entity_poly.pdbx_seq_one_letter_code
;MGGHHHHHHGLEVLFQGPRTVKRANGGELKTGYLSIVMDPDELPLDEHCERLPYDASKWEFPRDRLKLGKPLGRGAFGQV
IEADAFGIDKTATCRTVAVKMLKEGATHSEHRALMSELKILIHIGHHLNVVNLLGACTKPGGPLMVIVEFCKFGNLSTYL
RSKRNEFVPYKVAPEDLYKDFLTLEHLICYSFQVAKGMEFLASRKCIHRDLAARNILLSEKNVVKICDFGLARDIYKDPD
YVRKGDARLPLKWMAPETIFDRVYTIQSDVWSFGVLLWEIFSLGASPYPGVKIDEEFCRRLKEGTRMRAPDYTTPEMYQT
MLDCWHGEPSQRPTFSELVEHLGNLLQANAQQD
;
_entity_poly.pdbx_strand_id   A
#
# COMPACT_ATOMS: atom_id res chain seq x y z
N TYR A 33 -3.42 -9.13 -11.50
CA TYR A 33 -4.00 -8.15 -10.53
C TYR A 33 -2.94 -7.18 -10.00
N LEU A 34 -2.93 -5.98 -10.55
CA LEU A 34 -2.02 -4.95 -10.08
C LEU A 34 -2.78 -3.65 -9.86
N SER A 35 -2.59 -3.05 -8.69
CA SER A 35 -3.31 -1.83 -8.36
C SER A 35 -2.47 -0.58 -8.58
N ILE A 36 -1.16 -0.72 -8.49
CA ILE A 36 -0.27 0.39 -8.84
C ILE A 36 -0.13 0.45 -10.35
N VAL A 37 -0.64 1.51 -10.95
CA VAL A 37 -0.66 1.63 -12.41
C VAL A 37 -0.40 3.05 -12.90
N MET A 38 0.05 3.15 -14.15
CA MET A 38 0.16 4.44 -14.83
C MET A 38 -1.20 5.14 -14.78
N ASP A 39 -1.19 6.45 -14.59
CA ASP A 39 -2.43 7.21 -14.57
C ASP A 39 -2.97 7.36 -15.98
N PRO A 40 -4.14 6.77 -16.27
CA PRO A 40 -4.78 6.87 -17.59
C PRO A 40 -5.01 8.32 -17.96
N ASP A 41 -5.19 9.15 -16.94
CA ASP A 41 -5.43 10.58 -17.11
C ASP A 41 -4.17 11.30 -17.58
N GLU A 42 -3.04 10.60 -17.50
CA GLU A 42 -1.74 11.21 -17.80
C GLU A 42 -1.09 10.61 -19.04
N LEU A 43 -1.79 9.71 -19.72
CA LEU A 43 -1.24 9.04 -20.89
C LEU A 43 -1.62 9.75 -22.19
N PRO A 44 -0.75 9.67 -23.22
CA PRO A 44 0.50 8.90 -23.18
C PRO A 44 1.52 9.49 -22.21
N LEU A 52 8.07 0.40 -21.84
CA LEU A 52 8.90 0.15 -20.66
C LEU A 52 9.95 -0.93 -20.92
N PRO A 53 11.21 -0.50 -21.11
CA PRO A 53 12.36 -1.37 -21.38
C PRO A 53 12.82 -2.15 -20.16
N TYR A 54 13.69 -3.12 -20.37
CA TYR A 54 14.32 -3.84 -19.28
C TYR A 54 15.84 -3.88 -19.40
N ASP A 55 16.52 -3.20 -18.47
CA ASP A 55 17.97 -3.15 -18.45
C ASP A 55 18.51 -4.32 -17.63
N ALA A 56 18.74 -5.46 -18.28
CA ALA A 56 19.14 -6.67 -17.58
C ALA A 56 20.48 -6.50 -16.90
N SER A 57 21.37 -5.73 -17.52
CA SER A 57 22.69 -5.50 -16.95
C SER A 57 22.54 -4.83 -15.59
N LYS A 58 21.45 -4.09 -15.41
CA LYS A 58 21.19 -3.42 -14.14
C LYS A 58 20.40 -4.29 -13.16
N TRP A 59 19.30 -4.86 -13.62
CA TRP A 59 18.33 -5.44 -12.68
C TRP A 59 18.42 -6.95 -12.52
N GLU A 60 18.93 -7.65 -13.53
CA GLU A 60 18.89 -9.10 -13.54
C GLU A 60 19.77 -9.65 -12.41
N PHE A 61 19.22 -10.60 -11.65
CA PHE A 61 19.93 -11.17 -10.52
C PHE A 61 19.94 -12.67 -10.70
N PRO A 62 21.11 -13.30 -10.53
CA PRO A 62 21.26 -14.75 -10.74
C PRO A 62 20.43 -15.54 -9.73
N ARG A 63 19.64 -16.48 -10.22
CA ARG A 63 18.77 -17.27 -9.35
C ARG A 63 19.55 -18.07 -8.31
N ASP A 64 20.80 -18.39 -8.61
CA ASP A 64 21.58 -19.22 -7.70
C ASP A 64 22.20 -18.42 -6.56
N ARG A 65 22.03 -17.10 -6.59
CA ARG A 65 22.45 -16.25 -5.48
C ARG A 65 21.26 -15.89 -4.59
N LEU A 66 20.14 -16.55 -4.85
CA LEU A 66 18.93 -16.32 -4.08
C LEU A 66 18.51 -17.61 -3.39
N LYS A 67 18.35 -17.55 -2.07
CA LYS A 67 17.82 -18.71 -1.34
C LYS A 67 16.43 -18.38 -0.82
N LEU A 68 15.43 -19.11 -1.32
CA LEU A 68 14.04 -18.86 -0.96
C LEU A 68 13.70 -19.43 0.41
N GLY A 69 12.84 -18.71 1.14
CA GLY A 69 12.42 -19.15 2.46
C GLY A 69 10.91 -19.25 2.60
N LYS A 70 10.41 -18.76 3.73
CA LYS A 70 8.98 -18.90 4.05
C LYS A 70 8.08 -17.89 3.35
N PRO A 71 6.80 -18.25 3.16
CA PRO A 71 5.82 -17.33 2.56
C PRO A 71 5.54 -16.13 3.46
N LEU A 72 5.46 -14.95 2.86
CA LEU A 72 5.06 -13.75 3.58
C LEU A 72 3.61 -13.40 3.22
N GLY A 73 3.16 -13.87 2.06
CA GLY A 73 1.77 -13.70 1.68
C GLY A 73 1.43 -14.55 0.47
N ARG A 74 0.23 -15.12 0.45
CA ARG A 74 -0.19 -15.97 -0.66
C ARG A 74 -1.57 -15.61 -1.18
N GLY A 75 -1.68 -15.53 -2.50
CA GLY A 75 -2.97 -15.39 -3.14
C GLY A 75 -3.32 -16.67 -3.87
N ALA A 76 -4.29 -16.59 -4.78
CA ALA A 76 -4.64 -17.73 -5.60
C ALA A 76 -3.46 -18.14 -6.49
N PHE A 77 -2.90 -17.17 -7.20
CA PHE A 77 -1.97 -17.43 -8.27
C PHE A 77 -0.56 -16.91 -8.02
N GLY A 78 -0.39 -16.20 -6.90
CA GLY A 78 0.91 -15.61 -6.61
C GLY A 78 1.26 -15.66 -5.13
N GLN A 79 2.49 -15.29 -4.81
CA GLN A 79 2.95 -15.28 -3.43
C GLN A 79 4.15 -14.36 -3.29
N VAL A 80 4.33 -13.85 -2.07
CA VAL A 80 5.58 -13.18 -1.72
C VAL A 80 6.29 -14.07 -0.70
N ILE A 81 7.54 -14.39 -0.98
CA ILE A 81 8.29 -15.22 -0.04
C ILE A 81 9.54 -14.51 0.44
N GLU A 82 9.88 -14.72 1.70
CA GLU A 82 11.11 -14.23 2.29
C GLU A 82 12.30 -15.00 1.70
N ALA A 83 13.42 -14.31 1.50
CA ALA A 83 14.59 -14.97 0.94
C ALA A 83 15.89 -14.25 1.31
N ASP A 84 17.01 -14.96 1.21
CA ASP A 84 18.31 -14.33 1.37
C ASP A 84 18.99 -14.15 0.03
N ALA A 85 19.27 -12.90 -0.31
CA ALA A 85 19.95 -12.57 -1.54
C ALA A 85 21.40 -12.22 -1.24
N PHE A 86 22.32 -12.94 -1.84
CA PHE A 86 23.73 -12.67 -1.60
C PHE A 86 24.26 -11.57 -2.51
N GLY A 87 24.61 -10.43 -1.91
CA GLY A 87 25.25 -9.36 -2.64
C GLY A 87 24.34 -8.56 -3.55
N ILE A 88 23.02 -8.63 -3.33
CA ILE A 88 22.10 -8.00 -4.26
C ILE A 88 22.22 -6.48 -4.31
N ASP A 89 22.50 -5.85 -3.18
CA ASP A 89 22.65 -4.40 -3.19
C ASP A 89 23.92 -3.89 -2.52
N LYS A 90 24.64 -4.78 -1.84
CA LYS A 90 25.95 -4.44 -1.27
C LYS A 90 26.94 -5.57 -1.55
N THR A 91 28.13 -5.22 -2.04
CA THR A 91 29.10 -6.24 -2.40
C THR A 91 29.32 -7.24 -1.26
N ALA A 92 29.17 -8.53 -1.58
CA ALA A 92 29.55 -9.61 -0.67
C ALA A 92 28.74 -9.68 0.62
N THR A 93 27.55 -9.10 0.64
CA THR A 93 26.76 -9.11 1.86
C THR A 93 25.40 -9.82 1.68
N CYS A 94 25.08 -10.71 2.61
CA CYS A 94 23.78 -11.36 2.62
C CYS A 94 22.70 -10.35 2.98
N ARG A 95 21.57 -10.42 2.27
CA ARG A 95 20.49 -9.47 2.51
C ARG A 95 19.15 -10.20 2.46
N THR A 96 18.32 -10.01 3.49
CA THR A 96 16.96 -10.52 3.48
C THR A 96 16.12 -9.67 2.54
N VAL A 97 15.38 -10.34 1.65
CA VAL A 97 14.56 -9.64 0.66
C VAL A 97 13.17 -10.29 0.56
N ALA A 98 12.24 -9.60 -0.10
CA ALA A 98 10.95 -10.20 -0.42
C ALA A 98 10.82 -10.46 -1.93
N VAL A 99 10.40 -11.65 -2.29
CA VAL A 99 10.27 -11.97 -3.70
C VAL A 99 8.87 -12.40 -4.11
N LYS A 100 8.33 -11.70 -5.09
CA LYS A 100 7.03 -12.06 -5.62
C LYS A 100 7.24 -13.01 -6.79
N MET A 101 6.48 -14.09 -6.80
CA MET A 101 6.52 -15.06 -7.88
C MET A 101 5.15 -15.71 -7.99
N LEU A 102 4.95 -16.46 -9.06
CA LEU A 102 3.68 -17.13 -9.28
C LEU A 102 3.67 -18.48 -8.60
N LYS A 103 2.49 -19.08 -8.48
CA LYS A 103 2.35 -20.42 -7.92
C LYS A 103 1.38 -21.26 -8.75
N GLU A 104 1.19 -22.52 -8.36
CA GLU A 104 0.31 -23.43 -9.09
C GLU A 104 -1.06 -22.82 -9.32
N GLY A 105 -1.55 -22.90 -10.56
CA GLY A 105 -2.80 -22.27 -10.89
C GLY A 105 -2.62 -21.03 -11.75
N ALA A 106 -1.46 -20.40 -11.67
CA ALA A 106 -1.19 -19.26 -12.52
C ALA A 106 -1.06 -19.74 -13.94
N THR A 107 -1.24 -18.82 -14.88
CA THR A 107 -1.15 -19.10 -16.31
C THR A 107 -0.28 -18.02 -16.93
N HIS A 108 -0.06 -18.12 -18.24
CA HIS A 108 0.76 -17.15 -18.97
C HIS A 108 0.33 -15.70 -18.73
N SER A 109 -0.95 -15.45 -18.51
CA SER A 109 -1.41 -14.08 -18.34
C SER A 109 -1.02 -13.48 -16.99
N GLU A 110 -0.99 -14.30 -15.94
CA GLU A 110 -0.40 -13.84 -14.69
C GLU A 110 1.08 -13.59 -14.85
N HIS A 111 1.74 -14.40 -15.67
CA HIS A 111 3.17 -14.22 -15.92
C HIS A 111 3.42 -12.88 -16.61
N ARG A 112 2.65 -12.59 -17.65
CA ARG A 112 2.73 -11.29 -18.30
C ARG A 112 2.43 -10.15 -17.34
N ALA A 113 1.45 -10.34 -16.45
CA ALA A 113 1.09 -9.30 -15.50
C ALA A 113 2.23 -8.99 -14.52
N LEU A 114 2.89 -10.03 -14.01
CA LEU A 114 4.02 -9.84 -13.11
C LEU A 114 5.16 -9.10 -13.82
N MET A 115 5.33 -9.38 -15.11
CA MET A 115 6.37 -8.70 -15.86
C MET A 115 6.07 -7.21 -15.94
N SER A 116 4.79 -6.85 -16.12
CA SER A 116 4.42 -5.45 -16.20
C SER A 116 4.54 -4.79 -14.84
N GLU A 117 4.32 -5.55 -13.76
CA GLU A 117 4.60 -5.06 -12.42
C GLU A 117 6.09 -4.70 -12.28
N LEU A 118 6.96 -5.60 -12.73
CA LEU A 118 8.39 -5.34 -12.70
C LEU A 118 8.71 -4.04 -13.45
N LYS A 119 8.12 -3.90 -14.63
CA LYS A 119 8.39 -2.74 -15.47
C LYS A 119 7.90 -1.43 -14.86
N ILE A 120 6.75 -1.46 -14.18
CA ILE A 120 6.27 -0.22 -13.60
C ILE A 120 7.07 0.16 -12.36
N LEU A 121 7.58 -0.84 -11.64
CA LEU A 121 8.46 -0.57 -10.50
C LEU A 121 9.76 0.07 -10.98
N ILE A 122 10.26 -0.39 -12.12
CA ILE A 122 11.44 0.22 -12.70
C ILE A 122 11.14 1.68 -13.07
N HIS A 123 10.03 1.89 -13.76
CA HIS A 123 9.63 3.25 -14.11
C HIS A 123 9.52 4.15 -12.89
N ILE A 124 8.91 3.65 -11.82
CA ILE A 124 8.65 4.47 -10.64
C ILE A 124 9.95 4.94 -10.00
N GLY A 125 10.93 4.04 -9.88
CA GLY A 125 12.19 4.42 -9.30
C GLY A 125 12.16 4.47 -7.79
N HIS A 126 13.26 4.95 -7.20
CA HIS A 126 13.47 4.85 -5.76
C HIS A 126 12.88 6.00 -4.95
N HIS A 127 12.26 5.65 -3.84
CA HIS A 127 11.86 6.62 -2.82
C HIS A 127 11.82 5.89 -1.49
N LEU A 128 12.15 6.59 -0.40
CA LEU A 128 12.22 5.96 0.91
C LEU A 128 10.90 5.25 1.24
N ASN A 129 9.79 5.87 0.84
CA ASN A 129 8.48 5.42 1.29
C ASN A 129 7.68 4.60 0.27
N VAL A 130 8.37 4.02 -0.70
CA VAL A 130 7.78 3.03 -1.58
C VAL A 130 8.70 1.81 -1.59
N VAL A 131 8.13 0.62 -1.53
CA VAL A 131 8.95 -0.55 -1.37
C VAL A 131 9.91 -0.59 -2.56
N ASN A 132 11.18 -0.86 -2.28
CA ASN A 132 12.25 -0.61 -3.24
C ASN A 132 12.63 -1.86 -4.04
N LEU A 133 12.58 -1.75 -5.36
CA LEU A 133 12.97 -2.83 -6.25
C LEU A 133 14.47 -3.05 -6.17
N LEU A 134 14.89 -4.30 -6.00
CA LEU A 134 16.30 -4.62 -5.87
C LEU A 134 16.83 -5.44 -7.04
N GLY A 135 15.93 -6.13 -7.73
CA GLY A 135 16.36 -6.97 -8.85
C GLY A 135 15.27 -7.91 -9.29
N ALA A 136 15.57 -8.69 -10.33
CA ALA A 136 14.62 -9.67 -10.83
C ALA A 136 15.32 -10.85 -11.50
N CYS A 137 14.66 -12.00 -11.43
CA CYS A 137 15.07 -13.16 -12.20
C CYS A 137 14.08 -13.33 -13.34
N THR A 138 14.57 -13.16 -14.57
CA THR A 138 13.71 -13.24 -15.75
C THR A 138 14.23 -14.23 -16.81
N LYS A 139 15.37 -14.87 -16.54
CA LYS A 139 15.91 -15.88 -17.45
C LYS A 139 14.97 -17.07 -17.63
N PRO A 140 14.98 -17.68 -18.82
CA PRO A 140 14.21 -18.90 -19.08
C PRO A 140 14.68 -20.05 -18.20
N GLY A 141 13.79 -21.02 -17.98
CA GLY A 141 14.16 -22.19 -17.20
C GLY A 141 13.70 -22.11 -15.76
N GLY A 142 13.27 -20.92 -15.34
CA GLY A 142 12.75 -20.75 -13.99
C GLY A 142 11.67 -19.69 -13.89
N PRO A 143 11.04 -19.56 -12.72
CA PRO A 143 9.95 -18.60 -12.50
C PRO A 143 10.40 -17.14 -12.62
N LEU A 144 9.53 -16.30 -13.16
CA LEU A 144 9.72 -14.86 -13.06
C LEU A 144 9.68 -14.47 -11.57
N MET A 145 10.70 -13.75 -11.13
CA MET A 145 10.77 -13.34 -9.73
C MET A 145 11.09 -11.86 -9.62
N VAL A 146 10.27 -11.14 -8.87
CA VAL A 146 10.49 -9.71 -8.65
C VAL A 146 10.92 -9.48 -7.20
N ILE A 147 12.10 -8.89 -7.04
CA ILE A 147 12.76 -8.83 -5.73
C ILE A 147 12.74 -7.40 -5.20
N VAL A 148 12.19 -7.22 -4.00
CA VAL A 148 12.18 -5.92 -3.35
C VAL A 148 12.62 -6.03 -1.89
N GLU A 149 12.85 -4.89 -1.26
CA GLU A 149 13.37 -4.87 0.09
C GLU A 149 12.41 -5.54 1.05
N PHE A 150 12.97 -6.14 2.10
CA PHE A 150 12.18 -6.78 3.14
C PHE A 150 11.87 -5.79 4.27
N CYS A 151 10.61 -5.77 4.68
CA CYS A 151 10.17 -4.86 5.75
C CYS A 151 9.77 -5.71 6.94
N LYS A 152 10.62 -5.72 7.95
CA LYS A 152 10.58 -6.79 8.95
C LYS A 152 9.31 -6.84 9.80
N PHE A 153 8.55 -5.75 9.87
CA PHE A 153 7.36 -5.76 10.71
C PHE A 153 6.06 -6.05 9.98
N GLY A 154 6.14 -6.27 8.68
CA GLY A 154 4.96 -6.64 7.92
C GLY A 154 4.00 -5.49 7.68
N ASN A 155 2.76 -5.80 7.34
CA ASN A 155 1.82 -4.77 6.95
C ASN A 155 1.36 -3.97 8.16
N LEU A 156 1.04 -2.70 7.93
CA LEU A 156 0.87 -1.76 9.02
C LEU A 156 -0.41 -2.03 9.80
N SER A 157 -1.42 -2.55 9.12
CA SER A 157 -2.70 -2.81 9.77
C SER A 157 -2.54 -3.86 10.86
N THR A 158 -2.01 -5.02 10.49
CA THR A 158 -1.75 -6.10 11.42
C THR A 158 -0.85 -5.63 12.55
N TYR A 159 0.18 -4.87 12.20
CA TYR A 159 1.13 -4.43 13.21
C TYR A 159 0.50 -3.52 14.24
N LEU A 160 -0.24 -2.51 13.79
CA LEU A 160 -0.86 -1.56 14.71
C LEU A 160 -1.86 -2.28 15.62
N ARG A 161 -2.59 -3.23 15.04
CA ARG A 161 -3.60 -3.97 15.77
C ARG A 161 -2.96 -4.82 16.86
N SER A 162 -1.67 -5.08 16.74
CA SER A 162 -0.95 -5.86 17.73
C SER A 162 -0.33 -4.99 18.81
N LYS A 163 -0.46 -3.67 18.69
CA LYS A 163 0.16 -2.76 19.65
C LYS A 163 -0.85 -2.04 20.53
N ARG A 164 -2.10 -2.48 20.49
CA ARG A 164 -3.15 -1.83 21.26
C ARG A 164 -2.75 -1.74 22.74
N ASN A 165 -2.10 -2.79 23.23
CA ASN A 165 -1.71 -2.86 24.63
C ASN A 165 -0.37 -2.18 24.89
N GLU A 166 0.23 -1.64 23.83
CA GLU A 166 1.56 -1.03 23.94
C GLU A 166 1.55 0.36 23.33
N PHE A 167 0.54 1.15 23.67
CA PHE A 167 0.43 2.50 23.15
C PHE A 167 0.16 3.53 24.25
N VAL A 168 0.82 4.68 24.14
CA VAL A 168 0.49 5.85 24.94
C VAL A 168 0.61 7.09 24.08
N PRO A 169 -0.28 8.06 24.27
CA PRO A 169 -0.34 9.25 23.42
C PRO A 169 0.96 10.03 23.44
N TYR A 170 1.55 10.15 24.63
CA TYR A 170 2.80 10.89 24.80
C TYR A 170 3.75 10.13 25.72
N TYR A 178 8.49 2.41 29.12
CA TYR A 178 7.56 2.31 28.01
C TYR A 178 8.30 2.19 26.68
N LYS A 179 9.57 1.81 26.74
CA LYS A 179 10.35 1.61 25.53
C LYS A 179 9.63 0.62 24.63
N ASP A 180 9.59 0.93 23.33
CA ASP A 180 8.90 0.10 22.36
C ASP A 180 7.39 0.31 22.32
N PHE A 181 6.88 1.15 23.21
CA PHE A 181 5.49 1.58 23.11
C PHE A 181 5.34 2.50 21.89
N LEU A 182 4.23 2.36 21.19
CA LEU A 182 3.86 3.31 20.14
C LEU A 182 3.34 4.59 20.78
N THR A 183 3.50 5.70 20.09
CA THR A 183 2.96 6.96 20.55
C THR A 183 2.29 7.73 19.41
N LEU A 184 1.59 8.79 19.76
CA LEU A 184 0.95 9.66 18.78
C LEU A 184 1.97 10.14 17.74
N GLU A 185 3.20 10.39 18.18
CA GLU A 185 4.24 10.82 17.28
C GLU A 185 4.51 9.81 16.16
N HIS A 186 4.56 8.53 16.51
CA HIS A 186 4.72 7.47 15.51
C HIS A 186 3.60 7.53 14.49
N LEU A 187 2.37 7.64 14.97
CA LEU A 187 1.19 7.57 14.14
C LEU A 187 1.16 8.71 13.14
N ILE A 188 1.44 9.91 13.63
CA ILE A 188 1.52 11.09 12.77
C ILE A 188 2.66 10.91 11.77
N CYS A 189 3.78 10.39 12.26
CA CYS A 189 4.94 10.18 11.40
C CYS A 189 4.67 9.16 10.29
N TYR A 190 3.99 8.06 10.61
CA TYR A 190 3.65 7.06 9.59
C TYR A 190 2.75 7.70 8.56
N SER A 191 1.78 8.48 9.05
CA SER A 191 0.84 9.19 8.19
C SER A 191 1.57 10.14 7.24
N PHE A 192 2.52 10.90 7.80
CA PHE A 192 3.32 11.84 7.01
C PHE A 192 4.11 11.08 5.93
N GLN A 193 4.67 9.94 6.31
CA GLN A 193 5.49 9.15 5.39
C GLN A 193 4.69 8.61 4.20
N VAL A 194 3.48 8.13 4.46
CA VAL A 194 2.68 7.59 3.38
C VAL A 194 2.28 8.72 2.43
N ALA A 195 1.98 9.89 2.98
CA ALA A 195 1.64 11.05 2.14
C ALA A 195 2.78 11.35 1.18
N LYS A 196 4.01 11.27 1.68
CA LYS A 196 5.18 11.52 0.85
C LYS A 196 5.33 10.48 -0.26
N GLY A 197 5.16 9.21 0.09
CA GLY A 197 5.23 8.16 -0.90
C GLY A 197 4.18 8.34 -1.98
N MET A 198 2.97 8.71 -1.58
CA MET A 198 1.89 8.90 -2.53
C MET A 198 2.13 10.13 -3.38
N GLU A 199 2.69 11.18 -2.78
CA GLU A 199 3.04 12.36 -3.54
C GLU A 199 4.05 11.95 -4.62
N PHE A 200 5.02 11.15 -4.21
CA PHE A 200 6.04 10.65 -5.13
C PHE A 200 5.41 9.84 -6.27
N LEU A 201 4.53 8.91 -5.94
CA LEU A 201 3.89 8.10 -6.96
C LEU A 201 3.15 8.99 -7.95
N ALA A 202 2.53 10.06 -7.43
CA ALA A 202 1.79 10.99 -8.26
C ALA A 202 2.75 11.68 -9.23
N SER A 203 3.94 12.00 -8.73
CA SER A 203 4.95 12.66 -9.54
C SER A 203 5.48 11.75 -10.65
N ARG A 204 5.33 10.44 -10.46
CA ARG A 204 5.72 9.48 -11.49
C ARG A 204 4.51 9.16 -12.37
N LYS A 205 3.43 9.90 -12.16
CA LYS A 205 2.22 9.76 -12.97
C LYS A 205 1.56 8.40 -12.80
N CYS A 206 1.60 7.90 -11.57
CA CYS A 206 0.94 6.64 -11.24
C CYS A 206 -0.12 6.89 -10.17
N ILE A 207 -1.09 6.00 -10.11
CA ILE A 207 -2.02 5.97 -8.99
C ILE A 207 -1.96 4.62 -8.30
N HIS A 208 -2.56 4.53 -7.12
CA HIS A 208 -2.61 3.27 -6.38
C HIS A 208 -4.07 2.90 -6.21
N ARG A 209 -4.52 1.89 -6.93
CA ARG A 209 -5.93 1.56 -6.92
C ARG A 209 -6.37 0.80 -5.66
N ASP A 210 -5.44 0.58 -4.74
CA ASP A 210 -5.75 -0.24 -3.56
C ASP A 210 -4.99 0.26 -2.34
N LEU A 211 -4.98 1.58 -2.17
CA LEU A 211 -4.30 2.20 -1.04
C LEU A 211 -5.05 1.88 0.26
N ALA A 212 -4.34 1.31 1.23
CA ALA A 212 -4.93 0.88 2.51
C ALA A 212 -3.81 0.44 3.44
N ALA A 213 -4.10 0.35 4.74
CA ALA A 213 -3.06 -0.01 5.70
C ALA A 213 -2.47 -1.40 5.43
N ARG A 214 -3.28 -2.31 4.88
CA ARG A 214 -2.80 -3.65 4.56
C ARG A 214 -1.76 -3.61 3.44
N ASN A 215 -1.68 -2.49 2.72
CA ASN A 215 -0.66 -2.34 1.69
C ASN A 215 0.39 -1.30 2.06
N ILE A 216 0.51 -1.04 3.36
CA ILE A 216 1.63 -0.28 3.89
C ILE A 216 2.50 -1.23 4.72
N LEU A 217 3.80 -1.18 4.53
CA LEU A 217 4.72 -2.04 5.28
C LEU A 217 5.55 -1.23 6.26
N LEU A 218 5.84 -1.81 7.41
CA LEU A 218 6.74 -1.20 8.39
C LEU A 218 8.09 -1.92 8.44
N SER A 219 9.16 -1.18 8.21
CA SER A 219 10.51 -1.75 8.36
C SER A 219 11.20 -1.12 9.57
N GLU A 220 12.51 -1.28 9.67
CA GLU A 220 13.25 -0.73 10.80
C GLU A 220 13.22 0.80 10.81
N LYS A 221 13.57 1.36 11.97
CA LYS A 221 13.73 2.81 12.11
C LYS A 221 12.44 3.56 11.81
N ASN A 222 11.31 2.90 12.07
CA ASN A 222 9.99 3.51 11.88
C ASN A 222 9.74 4.05 10.47
N VAL A 223 10.38 3.45 9.48
CA VAL A 223 10.10 3.80 8.08
C VAL A 223 8.96 2.94 7.54
N VAL A 224 7.95 3.58 6.97
CA VAL A 224 6.89 2.84 6.29
C VAL A 224 6.99 2.96 4.76
N LYS A 225 6.61 1.88 4.09
CA LYS A 225 6.70 1.83 2.64
C LYS A 225 5.40 1.36 2.02
N ILE A 226 4.97 2.07 0.99
CA ILE A 226 3.83 1.68 0.18
C ILE A 226 4.20 0.46 -0.66
N CYS A 227 3.29 -0.51 -0.72
CA CYS A 227 3.49 -1.67 -1.57
C CYS A 227 2.13 -2.07 -2.19
N ASP A 228 2.11 -3.18 -2.90
CA ASP A 228 0.87 -3.83 -3.28
C ASP A 228 1.13 -5.33 -3.36
N PHE A 229 0.47 -6.10 -2.50
CA PHE A 229 0.63 -7.55 -2.49
C PHE A 229 0.12 -8.10 -3.82
N GLY A 230 -0.94 -7.50 -4.35
CA GLY A 230 -1.43 -7.86 -5.66
C GLY A 230 -1.80 -9.32 -5.77
N LEU A 231 -1.11 -10.05 -6.65
CA LEU A 231 -1.35 -11.46 -6.86
C LEU A 231 -1.13 -12.27 -5.59
N ALA A 232 -0.30 -11.74 -4.69
CA ALA A 232 0.04 -12.47 -3.47
C ALA A 232 -0.95 -12.21 -2.33
N ARG A 233 -2.11 -11.65 -2.68
CA ARG A 233 -3.21 -11.62 -1.73
C ARG A 233 -4.42 -12.32 -2.34
N ASP A 234 -5.10 -13.12 -1.52
CA ASP A 234 -6.28 -13.82 -1.97
C ASP A 234 -7.50 -12.96 -1.71
N ILE A 235 -7.94 -12.21 -2.72
CA ILE A 235 -9.01 -11.26 -2.52
C ILE A 235 -10.38 -11.92 -2.48
N TYR A 236 -10.46 -13.18 -2.89
CA TYR A 236 -11.72 -13.90 -2.85
C TYR A 236 -11.98 -14.40 -1.44
N LYS A 237 -10.94 -14.38 -0.62
CA LYS A 237 -11.00 -14.90 0.73
C LYS A 237 -10.90 -13.77 1.75
N ASP A 238 -10.41 -12.61 1.31
CA ASP A 238 -10.22 -11.47 2.21
C ASP A 238 -11.46 -10.59 2.22
N PRO A 239 -12.09 -10.47 3.39
CA PRO A 239 -13.36 -9.74 3.54
C PRO A 239 -13.24 -8.25 3.25
N ASP A 240 -12.02 -7.75 3.12
CA ASP A 240 -11.80 -6.36 2.75
C ASP A 240 -12.20 -6.11 1.30
N TYR A 241 -12.33 -7.19 0.53
CA TYR A 241 -12.76 -7.07 -0.84
C TYR A 241 -14.16 -7.63 -1.00
N VAL A 242 -15.06 -6.80 -1.51
CA VAL A 242 -16.47 -7.15 -1.58
C VAL A 242 -16.86 -7.46 -3.02
N ARG A 243 -17.61 -8.54 -3.21
CA ARG A 243 -18.02 -8.93 -4.56
C ARG A 243 -18.96 -7.88 -5.15
N LYS A 244 -18.67 -7.47 -6.38
CA LYS A 244 -19.51 -6.50 -7.07
C LYS A 244 -19.27 -6.66 -8.58
N GLY A 245 -20.27 -7.20 -9.28
CA GLY A 245 -20.07 -7.59 -10.66
C GLY A 245 -19.19 -8.82 -10.72
N ASP A 246 -18.24 -8.83 -11.65
CA ASP A 246 -17.26 -9.90 -11.75
C ASP A 246 -16.05 -9.61 -10.87
N ALA A 247 -16.04 -8.44 -10.25
CA ALA A 247 -14.86 -7.97 -9.53
C ALA A 247 -15.04 -8.10 -8.02
N ARG A 248 -13.91 -8.16 -7.32
CA ARG A 248 -13.92 -8.05 -5.87
C ARG A 248 -13.14 -6.80 -5.50
N LEU A 249 -13.80 -5.86 -4.85
CA LEU A 249 -13.27 -4.50 -4.70
C LEU A 249 -13.23 -4.03 -3.25
N PRO A 250 -12.22 -3.22 -2.92
CA PRO A 250 -12.02 -2.63 -1.59
C PRO A 250 -13.00 -1.50 -1.30
N LEU A 251 -14.29 -1.82 -1.26
CA LEU A 251 -15.32 -0.80 -1.22
C LEU A 251 -15.13 0.20 -0.10
N LYS A 252 -14.72 -0.29 1.06
CA LYS A 252 -14.62 0.56 2.24
C LYS A 252 -13.54 1.62 2.09
N TRP A 253 -12.65 1.43 1.12
CA TRP A 253 -11.56 2.37 0.86
C TRP A 253 -11.82 3.23 -0.37
N MET A 254 -12.92 2.97 -1.06
CA MET A 254 -13.16 3.58 -2.36
C MET A 254 -13.97 4.88 -2.32
N ALA A 255 -13.51 5.86 -3.08
CA ALA A 255 -14.24 7.12 -3.22
C ALA A 255 -15.58 6.88 -3.90
N PRO A 256 -16.59 7.68 -3.53
CA PRO A 256 -17.91 7.48 -4.11
C PRO A 256 -17.93 7.48 -5.65
N GLU A 257 -17.17 8.39 -6.26
CA GLU A 257 -17.11 8.43 -7.72
C GLU A 257 -16.48 7.16 -8.30
N THR A 258 -15.65 6.51 -7.50
CA THR A 258 -15.05 5.24 -7.92
C THR A 258 -16.09 4.13 -7.80
N ILE A 259 -16.87 4.18 -6.72
CA ILE A 259 -17.90 3.18 -6.49
C ILE A 259 -19.01 3.30 -7.52
N PHE A 260 -19.46 4.53 -7.77
CA PHE A 260 -20.61 4.75 -8.62
C PHE A 260 -20.24 4.88 -10.10
N ASP A 261 -19.10 5.50 -10.37
CA ASP A 261 -18.73 5.83 -11.74
C ASP A 261 -17.49 5.09 -12.21
N ARG A 262 -16.87 4.35 -11.31
CA ARG A 262 -15.68 3.56 -11.64
C ARG A 262 -14.54 4.44 -12.15
N VAL A 263 -14.44 5.65 -11.60
CA VAL A 263 -13.35 6.55 -11.89
C VAL A 263 -12.22 6.40 -10.88
N TYR A 264 -10.99 6.17 -11.37
CA TYR A 264 -9.81 6.14 -10.52
C TYR A 264 -8.90 7.32 -10.84
N THR A 265 -8.78 8.24 -9.90
CA THR A 265 -7.89 9.38 -10.06
C THR A 265 -6.99 9.47 -8.84
N ILE A 266 -5.95 10.29 -8.94
CA ILE A 266 -5.10 10.52 -7.80
C ILE A 266 -5.93 11.10 -6.66
N GLN A 267 -7.00 11.82 -7.00
CA GLN A 267 -7.81 12.43 -5.96
C GLN A 267 -8.73 11.41 -5.31
N SER A 268 -9.06 10.35 -6.03
CA SER A 268 -9.76 9.25 -5.38
C SER A 268 -8.80 8.52 -4.44
N ASP A 269 -7.50 8.54 -4.77
CA ASP A 269 -6.49 8.04 -3.84
C ASP A 269 -6.45 8.84 -2.53
N VAL A 270 -6.70 10.13 -2.61
CA VAL A 270 -6.75 10.98 -1.43
C VAL A 270 -7.88 10.54 -0.51
N TRP A 271 -9.00 10.12 -1.09
CA TRP A 271 -10.09 9.58 -0.28
C TRP A 271 -9.62 8.35 0.48
N SER A 272 -9.00 7.42 -0.24
CA SER A 272 -8.49 6.19 0.37
C SER A 272 -7.48 6.50 1.46
N PHE A 273 -6.65 7.51 1.22
CA PHE A 273 -5.68 7.94 2.21
C PHE A 273 -6.38 8.38 3.48
N GLY A 274 -7.53 9.03 3.32
CA GLY A 274 -8.33 9.41 4.48
C GLY A 274 -8.76 8.19 5.26
N VAL A 275 -9.17 7.14 4.56
CA VAL A 275 -9.53 5.90 5.23
C VAL A 275 -8.30 5.29 5.90
N LEU A 276 -7.16 5.37 5.23
CA LEU A 276 -5.92 4.86 5.78
C LEU A 276 -5.54 5.59 7.05
N LEU A 277 -5.74 6.91 7.06
CA LEU A 277 -5.54 7.71 8.27
C LEU A 277 -6.43 7.17 9.39
N TRP A 278 -7.69 6.91 9.07
CA TRP A 278 -8.62 6.40 10.08
C TRP A 278 -8.09 5.08 10.63
N GLU A 279 -7.55 4.24 9.74
CA GLU A 279 -6.97 2.96 10.13
C GLU A 279 -5.79 3.14 11.08
N ILE A 280 -4.92 4.09 10.77
CA ILE A 280 -3.76 4.36 11.60
C ILE A 280 -4.19 4.82 13.00
N PHE A 281 -5.14 5.74 13.06
CA PHE A 281 -5.52 6.34 14.34
C PHE A 281 -6.65 5.59 15.05
N SER A 282 -6.95 4.39 14.52
CA SER A 282 -7.76 3.39 15.22
C SER A 282 -6.86 2.23 15.65
N LEU A 283 -5.55 2.39 15.44
CA LEU A 283 -4.61 1.30 15.63
C LEU A 283 -5.05 0.01 14.96
N GLY A 284 -5.39 0.10 13.67
CA GLY A 284 -5.57 -1.10 12.88
C GLY A 284 -6.98 -1.67 12.90
N ALA A 285 -7.97 -0.85 13.23
CA ALA A 285 -9.36 -1.30 13.23
C ALA A 285 -9.87 -1.41 11.80
N SER A 286 -10.94 -2.18 11.61
CA SER A 286 -11.59 -2.23 10.31
C SER A 286 -12.56 -1.06 10.16
N PRO A 287 -12.51 -0.37 9.00
CA PRO A 287 -13.35 0.81 8.77
C PRO A 287 -14.84 0.51 8.85
N TYR A 288 -15.63 1.54 9.14
CA TYR A 288 -17.09 1.44 9.20
C TYR A 288 -17.51 0.27 10.06
N PRO A 289 -17.15 0.31 11.35
CA PRO A 289 -17.35 -0.82 12.27
C PRO A 289 -18.80 -1.27 12.33
N GLY A 290 -19.00 -2.57 12.11
CA GLY A 290 -20.33 -3.15 12.28
C GLY A 290 -21.36 -2.60 11.31
N VAL A 291 -20.92 -2.29 10.10
CA VAL A 291 -21.82 -1.79 9.07
C VAL A 291 -21.82 -2.71 7.86
N LYS A 292 -23.00 -3.12 7.43
CA LYS A 292 -23.12 -3.98 6.25
C LYS A 292 -22.78 -3.16 5.02
N ILE A 293 -21.83 -3.65 4.22
CA ILE A 293 -21.38 -2.92 3.05
C ILE A 293 -22.21 -3.32 1.85
N ASP A 294 -23.30 -2.59 1.62
CA ASP A 294 -24.25 -2.93 0.57
C ASP A 294 -24.63 -1.69 -0.22
N GLU A 295 -25.76 -1.75 -0.91
CA GLU A 295 -26.20 -0.66 -1.76
C GLU A 295 -26.51 0.59 -0.93
N GLU A 296 -27.03 0.36 0.28
CA GLU A 296 -27.46 1.45 1.14
C GLU A 296 -26.26 2.17 1.76
N PHE A 297 -25.20 1.41 2.03
CA PHE A 297 -23.95 2.00 2.49
C PHE A 297 -23.47 3.03 1.48
N CYS A 298 -23.38 2.61 0.23
CA CYS A 298 -22.89 3.47 -0.84
C CYS A 298 -23.79 4.69 -0.98
N ARG A 299 -25.09 4.46 -0.85
CA ARG A 299 -26.07 5.53 -0.94
C ARG A 299 -25.82 6.59 0.13
N ARG A 300 -25.68 6.14 1.38
CA ARG A 300 -25.48 7.05 2.49
C ARG A 300 -24.13 7.75 2.38
N LEU A 301 -23.19 7.10 1.72
CA LEU A 301 -21.86 7.67 1.55
C LEU A 301 -21.92 8.84 0.59
N LYS A 302 -22.63 8.64 -0.51
CA LYS A 302 -22.78 9.67 -1.54
C LYS A 302 -23.49 10.89 -0.96
N GLU A 303 -24.38 10.64 -0.01
CA GLU A 303 -25.18 11.70 0.61
C GLU A 303 -24.44 12.43 1.73
N GLY A 304 -23.31 11.87 2.18
CA GLY A 304 -22.44 12.62 3.06
C GLY A 304 -22.17 12.01 4.43
N THR A 305 -22.57 10.77 4.65
CA THR A 305 -22.27 10.10 5.92
C THR A 305 -20.79 9.70 5.99
N ARG A 306 -20.14 10.01 7.11
CA ARG A 306 -18.73 9.69 7.30
C ARG A 306 -18.50 8.94 8.61
N MET A 307 -17.37 8.24 8.71
CA MET A 307 -16.98 7.59 9.96
C MET A 307 -16.78 8.62 11.06
N ARG A 308 -17.11 8.22 12.29
CA ARG A 308 -16.80 9.03 13.46
C ARG A 308 -15.33 8.91 13.80
N ALA A 309 -14.83 9.86 14.58
CA ALA A 309 -13.43 9.88 14.98
C ALA A 309 -13.01 8.58 15.62
N PRO A 310 -11.85 8.04 15.23
CA PRO A 310 -11.27 6.84 15.84
C PRO A 310 -10.73 7.15 17.24
N ASP A 311 -10.43 6.10 18.01
CA ASP A 311 -10.07 6.23 19.41
C ASP A 311 -8.80 7.03 19.72
N TYR A 312 -7.82 6.99 18.82
CA TYR A 312 -6.51 7.57 19.14
C TYR A 312 -6.20 8.84 18.37
N THR A 313 -7.20 9.38 17.68
CA THR A 313 -6.98 10.55 16.83
C THR A 313 -6.83 11.83 17.64
N THR A 314 -6.16 12.81 17.06
CA THR A 314 -6.24 14.19 17.54
C THR A 314 -7.35 14.90 16.75
N PRO A 315 -7.80 16.06 17.24
CA PRO A 315 -8.85 16.80 16.53
C PRO A 315 -8.41 17.20 15.13
N GLU A 316 -7.17 17.63 14.98
CA GLU A 316 -6.65 18.04 13.70
C GLU A 316 -6.65 16.89 12.70
N MET A 317 -6.20 15.72 13.14
CA MET A 317 -6.12 14.57 12.24
C MET A 317 -7.50 14.16 11.75
N TYR A 318 -8.50 14.21 12.63
CA TYR A 318 -9.84 13.81 12.22
C TYR A 318 -10.38 14.78 11.17
N GLN A 319 -10.12 16.07 11.37
CA GLN A 319 -10.56 17.06 10.41
C GLN A 319 -9.90 16.78 9.07
N THR A 320 -8.64 16.32 9.12
CA THR A 320 -7.91 15.98 7.91
C THR A 320 -8.58 14.81 7.20
N MET A 321 -9.01 13.81 7.96
CA MET A 321 -9.75 12.70 7.37
C MET A 321 -10.97 13.24 6.64
N LEU A 322 -11.69 14.16 7.29
CA LEU A 322 -12.92 14.71 6.76
C LEU A 322 -12.66 15.48 5.46
N ASP A 323 -11.53 16.18 5.42
CA ASP A 323 -11.09 16.90 4.22
C ASP A 323 -10.85 15.93 3.08
N CYS A 324 -10.26 14.78 3.40
CA CYS A 324 -9.96 13.77 2.39
C CYS A 324 -11.23 13.15 1.87
N TRP A 325 -12.28 13.12 2.70
CA TRP A 325 -13.54 12.52 2.31
C TRP A 325 -14.53 13.55 1.78
N HIS A 326 -14.02 14.65 1.24
CA HIS A 326 -14.91 15.62 0.62
C HIS A 326 -15.62 14.96 -0.55
N GLY A 327 -16.93 15.13 -0.62
CA GLY A 327 -17.69 14.55 -1.69
C GLY A 327 -17.15 14.97 -3.06
N GLU A 328 -16.73 16.21 -3.18
CA GLU A 328 -16.17 16.70 -4.44
C GLU A 328 -14.68 16.44 -4.51
N PRO A 329 -14.26 15.63 -5.48
CA PRO A 329 -12.84 15.27 -5.66
C PRO A 329 -11.92 16.47 -5.74
N SER A 330 -12.36 17.52 -6.42
CA SER A 330 -11.53 18.70 -6.62
C SER A 330 -11.42 19.52 -5.34
N GLN A 331 -12.31 19.26 -4.40
CA GLN A 331 -12.30 19.93 -3.10
C GLN A 331 -11.44 19.22 -2.07
N ARG A 332 -11.03 17.99 -2.36
CA ARG A 332 -10.11 17.27 -1.47
C ARG A 332 -8.71 17.86 -1.60
N PRO A 333 -7.93 17.81 -0.52
CA PRO A 333 -6.54 18.27 -0.60
C PRO A 333 -5.73 17.39 -1.55
N THR A 334 -4.62 17.91 -2.04
CA THR A 334 -3.70 17.11 -2.85
C THR A 334 -2.72 16.46 -1.89
N PHE A 335 -1.98 15.46 -2.36
CA PHE A 335 -0.99 14.82 -1.50
C PHE A 335 0.10 15.81 -1.09
N SER A 336 0.41 16.76 -1.97
CA SER A 336 1.38 17.80 -1.63
C SER A 336 0.90 18.61 -0.44
N GLU A 337 -0.37 19.01 -0.47
CA GLU A 337 -0.95 19.78 0.63
C GLU A 337 -0.98 18.93 1.89
N LEU A 338 -1.23 17.64 1.74
CA LEU A 338 -1.21 16.73 2.90
C LEU A 338 0.19 16.60 3.47
N VAL A 339 1.18 16.46 2.60
CA VAL A 339 2.58 16.39 3.04
C VAL A 339 2.92 17.59 3.91
N GLU A 340 2.62 18.78 3.39
CA GLU A 340 2.87 20.02 4.12
C GLU A 340 2.13 20.04 5.46
N HIS A 341 0.85 19.68 5.43
CA HIS A 341 0.02 19.78 6.62
C HIS A 341 0.44 18.77 7.69
N LEU A 342 0.65 17.53 7.29
CA LEU A 342 1.08 16.51 8.23
C LEU A 342 2.48 16.83 8.75
N GLY A 343 3.28 17.47 7.91
CA GLY A 343 4.60 17.89 8.35
C GLY A 343 4.48 18.86 9.52
N ASN A 344 3.54 19.79 9.42
CA ASN A 344 3.35 20.80 10.47
C ASN A 344 2.76 20.16 11.71
N LEU A 345 1.79 19.26 11.52
CA LEU A 345 1.21 18.54 12.65
C LEU A 345 2.28 17.73 13.39
N LEU A 346 3.27 17.26 12.66
CA LEU A 346 4.29 16.41 13.25
C LEU A 346 5.18 17.22 14.19
N GLN A 347 5.74 18.31 13.68
CA GLN A 347 6.60 19.14 14.51
C GLN A 347 5.80 19.84 15.60
N ALA A 348 4.55 20.19 15.29
CA ALA A 348 3.65 20.76 16.29
C ALA A 348 3.43 19.79 17.45
N ASN A 349 3.30 18.51 17.13
CA ASN A 349 3.03 17.50 18.15
C ASN A 349 4.20 17.35 19.11
N ALA A 350 5.41 17.36 18.57
CA ALA A 350 6.60 17.21 19.39
C ALA A 350 7.17 18.58 19.72
N GLN A 351 7.73 19.22 18.81
#